data_8BTN
#
_entry.id   8BTN
#
_cell.length_a   46.183
_cell.length_b   73.923
_cell.length_c   125.040
_cell.angle_alpha   90.00
_cell.angle_beta   90.00
_cell.angle_gamma   90.00
#
_symmetry.space_group_name_H-M   'P 21 21 21'
#
_entity_poly.entity_id   1
_entity_poly.type   'polypeptide(L)'
_entity_poly.pdbx_seq_one_letter_code
;MGSSHHHHHHENLYFQGGMTLFTENDLLNNSYKSIQKSYHFSENQAAKNILEQAYKNYDKNKIYDIFLSHSFLDARKILG
LKNYIEGLGYSVYVDWIEDKQLDRSKVSKETAGILRERMQSCKSLFFAISENSDHSLWMPWELGYFDGIKQKVAILPVLK
SSYDDSYNGQEYLGLYPYVAKGTIINSTQEEIWIHSSQKQYVRFRNWLQQN
;
_entity_poly.pdbx_strand_id   B,A
#
# COMPACT_ATOMS: atom_id res chain seq x y z
N MET A 19 31.70 4.30 -0.45
CA MET A 19 30.28 3.97 -0.61
C MET A 19 29.79 4.24 -2.03
N THR A 20 29.15 3.24 -2.63
CA THR A 20 28.58 3.36 -3.97
C THR A 20 27.27 2.60 -4.00
N LEU A 21 26.48 2.85 -5.05
CA LEU A 21 25.24 2.11 -5.28
C LEU A 21 25.51 0.88 -6.14
N PHE A 22 24.62 -0.10 -6.02
CA PHE A 22 24.78 -1.36 -6.73
C PHE A 22 24.71 -1.14 -8.24
N THR A 23 25.77 -1.49 -8.94
CA THR A 23 25.78 -1.45 -10.40
C THR A 23 25.34 -2.80 -10.95
N GLU A 24 24.69 -2.76 -12.12
CA GLU A 24 24.19 -3.99 -12.73
C GLU A 24 25.31 -4.97 -13.00
N ASN A 25 26.52 -4.47 -13.27
CA ASN A 25 27.66 -5.35 -13.47
C ASN A 25 28.02 -6.08 -12.18
N ASP A 26 27.90 -5.40 -11.04
CA ASP A 26 28.19 -6.03 -9.76
C ASP A 26 27.31 -7.25 -9.53
N LEU A 27 26.04 -7.16 -9.92
CA LEU A 27 25.15 -8.31 -9.78
C LEU A 27 25.54 -9.42 -10.74
N LEU A 28 25.82 -9.06 -12.00
CA LEU A 28 26.22 -10.05 -12.99
C LEU A 28 27.54 -10.72 -12.61
N ASN A 29 28.40 -10.01 -11.87
CA ASN A 29 29.63 -10.61 -11.38
C ASN A 29 29.33 -11.69 -10.35
N ASN A 30 28.68 -11.32 -9.24
CA ASN A 30 28.37 -12.28 -8.19
C ASN A 30 27.43 -13.38 -8.65
N SER A 31 26.86 -13.27 -9.85
CA SER A 31 26.05 -14.35 -10.40
C SER A 31 26.92 -15.48 -10.93
N TYR A 32 28.10 -15.14 -11.47
CA TYR A 32 28.97 -16.14 -12.07
C TYR A 32 29.36 -17.23 -11.08
N LYS A 33 29.34 -16.92 -9.78
CA LYS A 33 29.65 -17.93 -8.77
C LYS A 33 28.64 -19.07 -8.79
N SER A 34 27.36 -18.74 -8.86
CA SER A 34 26.30 -19.75 -8.91
C SER A 34 25.68 -19.84 -10.30
N GLU A 43 23.27 -18.62 -17.91
CA GLU A 43 21.90 -18.76 -18.37
C GLU A 43 20.91 -18.36 -17.28
N ASN A 44 19.95 -17.50 -17.65
CA ASN A 44 18.94 -17.07 -16.69
C ASN A 44 18.02 -18.21 -16.28
N GLN A 45 17.83 -19.19 -17.16
CA GLN A 45 17.05 -20.38 -16.77
C GLN A 45 17.75 -21.15 -15.65
N ALA A 46 19.08 -21.05 -15.57
CA ALA A 46 19.79 -21.65 -14.44
C ALA A 46 19.57 -20.84 -13.17
N ALA A 47 19.49 -19.52 -13.28
CA ALA A 47 19.19 -18.70 -12.12
C ALA A 47 17.75 -18.88 -11.65
N LYS A 48 16.83 -19.18 -12.58
CA LYS A 48 15.45 -19.44 -12.21
C LYS A 48 15.34 -20.69 -11.34
N ASN A 49 16.01 -21.76 -11.74
CA ASN A 49 15.92 -23.02 -10.99
C ASN A 49 16.51 -22.88 -9.60
N ILE A 50 17.56 -22.08 -9.45
CA ILE A 50 18.14 -21.85 -8.12
C ILE A 50 17.19 -21.02 -7.27
N LEU A 51 16.61 -19.96 -7.85
CA LEU A 51 15.67 -19.13 -7.12
C LEU A 51 14.37 -19.88 -6.85
N GLU A 52 13.93 -20.74 -7.78
CA GLU A 52 12.76 -21.56 -7.52
C GLU A 52 13.03 -22.55 -6.40
N GLN A 53 14.23 -23.15 -6.38
CA GLN A 53 14.60 -23.99 -5.25
C GLN A 53 14.65 -23.20 -3.96
N ALA A 54 15.18 -21.97 -4.02
CA ALA A 54 15.21 -21.12 -2.83
C ALA A 54 13.80 -20.80 -2.36
N TYR A 55 12.87 -20.60 -3.29
CA TYR A 55 11.48 -20.40 -2.92
C TYR A 55 10.85 -21.68 -2.39
N LYS A 56 11.08 -22.80 -3.09
CA LYS A 56 10.49 -24.06 -2.67
C LYS A 56 11.01 -24.51 -1.31
N ASN A 57 12.23 -24.13 -0.95
CA ASN A 57 12.82 -24.51 0.33
C ASN A 57 12.71 -23.36 1.33
N TYR A 58 11.46 -23.00 1.62
CA TYR A 58 11.16 -21.90 2.53
C TYR A 58 11.06 -22.44 3.96
N ASP A 59 11.86 -21.88 4.86
CA ASP A 59 11.90 -22.30 6.26
C ASP A 59 10.87 -21.50 7.04
N LYS A 60 9.85 -22.19 7.56
CA LYS A 60 8.82 -21.52 8.34
C LYS A 60 9.39 -20.93 9.63
N ASN A 61 10.21 -21.70 10.34
CA ASN A 61 10.71 -21.31 11.64
C ASN A 61 11.91 -20.35 11.57
N LYS A 62 12.30 -19.89 10.39
CA LYS A 62 13.45 -19.01 10.24
C LYS A 62 13.01 -17.55 10.13
N ILE A 63 13.75 -16.66 10.78
CA ILE A 63 13.56 -15.23 10.65
C ILE A 63 14.60 -14.76 9.63
N TYR A 64 14.17 -14.54 8.38
CA TYR A 64 15.06 -14.00 7.39
C TYR A 64 15.38 -12.54 7.71
N ASP A 65 16.52 -12.07 7.20
CA ASP A 65 16.91 -10.69 7.41
C ASP A 65 16.33 -9.75 6.36
N ILE A 66 16.24 -10.20 5.11
CA ILE A 66 15.83 -9.35 4.00
C ILE A 66 14.76 -10.08 3.19
N PHE A 67 13.64 -9.41 2.96
CA PHE A 67 12.69 -9.82 1.93
C PHE A 67 13.07 -9.07 0.65
N LEU A 68 13.56 -9.80 -0.34
CA LEU A 68 14.05 -9.20 -1.58
C LEU A 68 12.91 -9.14 -2.58
N SER A 69 12.34 -7.95 -2.76
CA SER A 69 11.37 -7.69 -3.81
C SER A 69 12.06 -6.98 -4.96
N HIS A 70 11.61 -7.26 -6.18
CA HIS A 70 12.39 -6.87 -7.35
C HIS A 70 11.49 -6.60 -8.55
N SER A 71 11.78 -5.51 -9.26
CA SER A 71 11.09 -5.18 -10.50
C SER A 71 12.11 -4.83 -11.56
N PHE A 72 11.91 -5.39 -12.76
CA PHE A 72 12.74 -5.07 -13.92
C PHE A 72 14.19 -5.51 -13.73
N LEU A 73 14.37 -6.64 -13.06
CA LEU A 73 15.69 -7.26 -12.91
C LEU A 73 15.55 -8.74 -13.26
N ASP A 74 16.41 -9.20 -14.17
CA ASP A 74 16.36 -10.59 -14.61
C ASP A 74 16.77 -11.53 -13.50
N ALA A 75 16.48 -12.83 -13.70
CA ALA A 75 16.79 -13.84 -12.70
C ALA A 75 18.29 -13.88 -12.40
N ARG A 76 19.12 -13.56 -13.38
CA ARG A 76 20.56 -13.56 -13.16
C ARG A 76 20.97 -12.44 -12.21
N LYS A 77 20.49 -11.22 -12.45
CA LYS A 77 20.86 -10.11 -11.59
C LYS A 77 20.24 -10.24 -10.20
N ILE A 78 19.13 -10.97 -10.07
CA ILE A 78 18.53 -11.18 -8.76
C ILE A 78 19.41 -12.09 -7.91
N LEU A 79 19.72 -13.27 -8.44
CA LEU A 79 20.54 -14.22 -7.71
C LEU A 79 21.90 -13.64 -7.33
N GLY A 80 22.46 -12.78 -8.19
CA GLY A 80 23.69 -12.10 -7.83
C GLY A 80 23.52 -11.21 -6.63
N LEU A 81 22.39 -10.49 -6.56
CA LEU A 81 22.13 -9.65 -5.40
C LEU A 81 21.91 -10.49 -4.16
N LYS A 82 21.24 -11.63 -4.30
CA LYS A 82 21.03 -12.51 -3.16
C LYS A 82 22.35 -13.02 -2.60
N ASN A 83 23.23 -13.49 -3.48
CA ASN A 83 24.51 -14.03 -3.03
C ASN A 83 25.38 -12.95 -2.39
N TYR A 84 25.30 -11.73 -2.90
CA TYR A 84 26.10 -10.65 -2.33
C TYR A 84 25.66 -10.34 -0.91
N ILE A 85 24.34 -10.30 -0.68
CA ILE A 85 23.84 -9.99 0.66
C ILE A 85 24.17 -11.13 1.62
N GLU A 86 23.81 -12.35 1.23
CA GLU A 86 24.13 -13.50 2.07
C GLU A 86 25.63 -13.61 2.28
N GLY A 87 26.42 -13.19 1.29
CA GLY A 87 27.86 -13.20 1.45
C GLY A 87 28.31 -12.27 2.56
N LEU A 88 27.63 -11.13 2.72
CA LEU A 88 27.94 -10.25 3.83
C LEU A 88 27.41 -10.78 5.15
N GLY A 89 26.57 -11.80 5.13
CA GLY A 89 26.08 -12.44 6.32
C GLY A 89 24.65 -12.17 6.69
N TYR A 90 23.80 -11.79 5.74
CA TYR A 90 22.40 -11.47 5.99
C TYR A 90 21.49 -12.44 5.25
N SER A 91 20.48 -12.94 5.95
CA SER A 91 19.53 -13.88 5.34
C SER A 91 18.66 -13.16 4.32
N VAL A 92 18.30 -13.87 3.26
CA VAL A 92 17.53 -13.30 2.16
C VAL A 92 16.45 -14.30 1.74
N TYR A 93 15.21 -13.83 1.69
CA TYR A 93 14.11 -14.57 1.07
C TYR A 93 13.61 -13.71 -0.10
N VAL A 94 13.62 -14.29 -1.30
CA VAL A 94 13.39 -13.55 -2.53
C VAL A 94 11.95 -13.75 -2.97
N ASP A 95 11.29 -12.65 -3.31
CA ASP A 95 9.93 -12.71 -3.84
C ASP A 95 9.91 -13.46 -5.16
N TRP A 96 8.77 -14.07 -5.47
CA TRP A 96 8.67 -14.87 -6.68
C TRP A 96 7.22 -15.05 -7.13
N VAL A 107 -2.20 -11.17 -9.67
CA VAL A 107 -3.18 -10.41 -8.90
C VAL A 107 -4.34 -11.30 -8.50
N SER A 108 -4.31 -11.80 -7.27
CA SER A 108 -5.33 -12.71 -6.77
C SER A 108 -5.25 -12.76 -5.24
N LYS A 109 -6.38 -13.09 -4.62
CA LYS A 109 -6.41 -13.19 -3.15
C LYS A 109 -5.46 -14.26 -2.64
N GLU A 110 -5.31 -15.35 -3.40
CA GLU A 110 -4.50 -16.47 -2.92
C GLU A 110 -3.03 -16.08 -2.80
N THR A 111 -2.51 -15.34 -3.79
CA THR A 111 -1.10 -14.97 -3.76
C THR A 111 -0.82 -13.92 -2.70
N ALA A 112 -1.75 -12.97 -2.51
CA ALA A 112 -1.55 -11.95 -1.49
C ALA A 112 -1.46 -12.57 -0.10
N GLY A 113 -2.08 -13.72 0.10
CA GLY A 113 -1.90 -14.45 1.36
C GLY A 113 -0.52 -15.05 1.51
N ILE A 114 0.07 -15.48 0.39
CA ILE A 114 1.45 -15.99 0.44
C ILE A 114 2.42 -14.83 0.65
N LEU A 115 2.18 -13.69 -0.01
CA LEU A 115 3.03 -12.52 0.20
C LEU A 115 3.01 -12.09 1.66
N ARG A 116 1.80 -11.94 2.24
CA ARG A 116 1.71 -11.59 3.65
C ARG A 116 2.41 -12.63 4.53
N GLU A 117 2.23 -13.91 4.19
CA GLU A 117 2.79 -14.98 5.01
C GLU A 117 4.31 -14.98 4.96
N ARG A 118 4.88 -14.87 3.76
CA ARG A 118 6.34 -14.88 3.63
C ARG A 118 6.96 -13.59 4.13
N MET A 119 6.29 -12.45 3.93
CA MET A 119 6.83 -11.17 4.39
C MET A 119 6.93 -11.10 5.90
N GLN A 120 6.02 -11.79 6.61
CA GLN A 120 6.04 -11.74 8.07
C GLN A 120 7.27 -12.41 8.66
N SER A 121 7.95 -13.26 7.89
CA SER A 121 9.13 -13.98 8.36
C SER A 121 10.41 -13.16 8.27
N CYS A 122 10.39 -11.99 7.66
CA CYS A 122 11.57 -11.19 7.45
C CYS A 122 11.57 -9.98 8.37
N LYS A 123 12.77 -9.47 8.66
CA LYS A 123 12.95 -8.30 9.49
C LYS A 123 12.82 -7.00 8.71
N SER A 124 13.20 -7.00 7.44
CA SER A 124 13.19 -5.80 6.62
C SER A 124 12.98 -6.20 5.17
N LEU A 125 12.40 -5.27 4.40
CA LEU A 125 12.17 -5.47 2.98
C LEU A 125 13.12 -4.58 2.18
N PHE A 126 13.93 -5.21 1.32
CA PHE A 126 14.70 -4.51 0.31
C PHE A 126 13.95 -4.62 -1.01
N PHE A 127 13.64 -3.49 -1.63
CA PHE A 127 13.09 -3.48 -2.99
C PHE A 127 14.17 -3.07 -3.97
N ALA A 128 14.41 -3.91 -4.97
CA ALA A 128 15.44 -3.69 -5.96
C ALA A 128 14.79 -3.34 -7.29
N ILE A 129 15.15 -2.19 -7.85
CA ILE A 129 14.57 -1.70 -9.10
C ILE A 129 15.70 -1.14 -9.96
N SER A 130 15.59 -1.33 -11.28
CA SER A 130 16.55 -0.83 -12.23
C SER A 130 16.10 0.50 -12.80
N GLU A 131 17.05 1.21 -13.42
CA GLU A 131 16.82 2.55 -13.96
C GLU A 131 15.60 2.62 -14.87
N ASP A 134 8.80 3.17 -15.69
CA ASP A 134 7.75 2.21 -15.40
C ASP A 134 8.06 1.44 -14.12
N HIS A 135 7.01 1.15 -13.35
CA HIS A 135 7.14 0.40 -12.10
C HIS A 135 6.05 -0.66 -12.03
N SER A 136 6.31 -1.68 -11.22
CA SER A 136 5.37 -2.80 -11.10
C SER A 136 4.09 -2.35 -10.42
N LEU A 137 3.00 -3.04 -10.75
CA LEU A 137 1.72 -2.73 -10.15
C LEU A 137 1.68 -3.13 -8.68
N TRP A 138 2.50 -4.10 -8.29
CA TRP A 138 2.49 -4.60 -6.91
C TRP A 138 3.39 -3.80 -5.98
N MET A 139 4.30 -2.99 -6.52
CA MET A 139 5.31 -2.35 -5.67
C MET A 139 4.72 -1.48 -4.57
N PRO A 140 3.79 -0.55 -4.84
CA PRO A 140 3.29 0.29 -3.74
C PRO A 140 2.59 -0.50 -2.65
N TRP A 141 1.89 -1.58 -3.02
CA TRP A 141 1.22 -2.40 -2.03
C TRP A 141 2.23 -3.06 -1.09
N GLU A 142 3.25 -3.71 -1.67
CA GLU A 142 4.22 -4.43 -0.85
C GLU A 142 4.97 -3.48 0.08
N LEU A 143 5.44 -2.35 -0.44
CA LEU A 143 6.11 -1.37 0.40
C LEU A 143 5.22 -0.95 1.57
N GLY A 144 3.95 -0.71 1.27
CA GLY A 144 3.03 -0.27 2.31
C GLY A 144 2.70 -1.35 3.32
N TYR A 145 2.54 -2.59 2.86
CA TYR A 145 2.19 -3.67 3.78
C TYR A 145 3.32 -3.95 4.74
N PHE A 146 4.54 -4.10 4.21
CA PHE A 146 5.69 -4.32 5.08
C PHE A 146 5.95 -3.11 5.97
N ASP A 147 5.61 -1.92 5.49
CA ASP A 147 5.70 -0.72 6.33
C ASP A 147 4.78 -0.85 7.54
N GLY A 148 3.62 -1.48 7.35
CA GLY A 148 2.67 -1.65 8.43
C GLY A 148 3.02 -2.74 9.42
N ILE A 149 3.57 -3.86 8.95
CA ILE A 149 3.78 -4.99 9.84
C ILE A 149 5.14 -4.95 10.54
N LYS A 150 6.16 -4.36 9.91
CA LYS A 150 7.49 -4.34 10.49
C LYS A 150 8.20 -3.00 10.39
N GLN A 151 7.71 -2.07 9.57
CA GLN A 151 8.18 -0.68 9.55
C GLN A 151 9.65 -0.55 9.18
N LYS A 152 10.13 -1.42 8.28
CA LYS A 152 11.53 -1.37 7.81
C LYS A 152 11.53 -1.67 6.30
N VAL A 153 11.43 -0.61 5.50
CA VAL A 153 11.41 -0.72 4.04
C VAL A 153 12.54 0.13 3.48
N ALA A 154 13.35 -0.48 2.60
CA ALA A 154 14.44 0.22 1.94
C ALA A 154 14.44 -0.09 0.45
N ILE A 155 14.93 0.87 -0.32
CA ILE A 155 14.99 0.76 -1.77
C ILE A 155 16.42 0.41 -2.17
N LEU A 156 16.57 -0.50 -3.14
CA LEU A 156 17.87 -0.89 -3.66
C LEU A 156 17.93 -0.55 -5.14
N PRO A 157 18.40 0.64 -5.50
CA PRO A 157 18.53 0.97 -6.92
C PRO A 157 19.66 0.19 -7.55
N VAL A 158 19.40 -0.33 -8.75
CA VAL A 158 20.40 -1.04 -9.53
C VAL A 158 20.68 -0.19 -10.77
N LEU A 159 21.72 0.62 -10.69
CA LEU A 159 22.14 1.49 -11.79
C LEU A 159 23.17 0.79 -12.66
N LYS A 160 23.39 1.34 -13.85
CA LYS A 160 24.37 0.78 -14.76
C LYS A 160 25.79 1.14 -14.36
N SER A 161 25.97 2.23 -13.63
CA SER A 161 27.26 2.57 -13.02
C SER A 161 27.01 3.60 -11.94
N SER A 162 27.68 3.43 -10.80
CA SER A 162 27.53 4.36 -9.68
C SER A 162 28.90 4.67 -9.10
N TYR A 163 29.18 5.95 -8.91
CA TYR A 163 30.43 6.39 -8.29
C TYR A 163 30.19 7.21 -7.03
N ASP A 164 28.95 7.26 -6.54
CA ASP A 164 28.61 8.06 -5.36
C ASP A 164 27.70 7.25 -4.45
N ASP A 165 27.55 7.73 -3.22
CA ASP A 165 26.61 7.17 -2.25
C ASP A 165 25.29 7.93 -2.23
N SER A 166 24.82 8.37 -3.40
CA SER A 166 23.70 9.29 -3.49
C SER A 166 22.61 8.70 -4.38
N TYR A 167 21.36 8.81 -3.92
CA TYR A 167 20.23 8.37 -4.74
C TYR A 167 19.06 9.29 -4.43
N ASN A 168 18.62 10.03 -5.44
CA ASN A 168 17.42 10.84 -5.31
C ASN A 168 16.37 10.20 -6.20
N GLY A 169 15.48 9.43 -5.59
CA GLY A 169 14.45 8.73 -6.30
C GLY A 169 13.14 9.46 -6.18
N GLN A 170 12.27 9.27 -7.16
CA GLN A 170 11.02 10.00 -7.17
C GLN A 170 9.86 9.08 -6.92
N GLU A 171 8.74 9.67 -6.50
CA GLU A 171 7.49 8.95 -6.22
C GLU A 171 7.78 7.97 -5.08
N TYR A 172 7.42 6.69 -5.21
CA TYR A 172 7.57 5.75 -4.11
C TYR A 172 9.03 5.41 -3.85
N LEU A 173 9.91 5.57 -4.83
CA LEU A 173 11.32 5.26 -4.66
C LEU A 173 12.07 6.32 -3.85
N GLY A 174 11.44 7.45 -3.57
CA GLY A 174 11.96 8.42 -2.63
C GLY A 174 11.23 8.45 -1.31
N LEU A 175 10.35 7.48 -1.05
CA LEU A 175 9.52 7.50 0.16
C LEU A 175 10.22 6.85 1.35
N TYR A 176 11.14 5.93 1.08
CA TYR A 176 11.85 5.18 2.11
C TYR A 176 13.35 5.35 1.92
N PRO A 177 14.18 5.01 2.91
CA PRO A 177 15.63 5.05 2.71
C PRO A 177 16.08 4.09 1.63
N TYR A 178 17.30 4.28 1.16
CA TYR A 178 17.86 3.46 0.09
C TYR A 178 19.12 2.75 0.57
N VAL A 179 19.53 1.75 -0.21
CA VAL A 179 20.63 0.85 0.15
C VAL A 179 21.87 1.24 -0.63
N ALA A 180 23.01 1.23 0.06
CA ALA A 180 24.31 1.48 -0.56
C ALA A 180 25.33 0.52 0.03
N LYS A 181 26.39 0.27 -0.74
CA LYS A 181 27.42 -0.68 -0.32
C LYS A 181 28.76 0.01 -0.09
N GLU A 190 33.16 -5.22 3.39
CA GLU A 190 32.10 -4.38 2.85
C GLU A 190 30.82 -4.54 3.68
N GLU A 191 30.10 -3.43 3.87
CA GLU A 191 28.90 -3.40 4.68
C GLU A 191 27.77 -2.76 3.90
N ILE A 192 26.54 -3.18 4.18
CA ILE A 192 25.35 -2.57 3.62
C ILE A 192 24.93 -1.41 4.51
N TRP A 193 24.75 -0.23 3.92
CA TRP A 193 24.41 0.98 4.65
C TRP A 193 23.04 1.48 4.20
N ILE A 194 22.24 1.95 5.15
CA ILE A 194 20.91 2.48 4.89
C ILE A 194 20.98 4.00 4.99
N HIS A 195 20.38 4.68 4.02
CA HIS A 195 20.54 6.13 3.86
C HIS A 195 19.18 6.81 3.90
N SER A 196 18.87 7.47 5.02
CA SER A 196 17.76 8.42 5.02
C SER A 196 18.03 9.57 4.06
N SER A 197 19.28 10.02 4.03
CA SER A 197 19.76 10.99 3.05
C SER A 197 21.16 10.56 2.63
N GLN A 198 21.78 11.34 1.75
CA GLN A 198 23.11 10.98 1.27
C GLN A 198 24.14 11.04 2.39
N LYS A 199 24.11 12.10 3.18
CA LYS A 199 25.02 12.24 4.32
C LYS A 199 24.46 11.65 5.60
N GLN A 200 23.25 11.10 5.57
CA GLN A 200 22.66 10.42 6.72
C GLN A 200 22.68 8.93 6.42
N TYR A 201 23.68 8.23 6.98
CA TYR A 201 23.90 6.81 6.72
C TYR A 201 24.04 6.08 8.05
N VAL A 202 23.61 4.83 8.07
CA VAL A 202 23.69 4.01 9.27
C VAL A 202 23.77 2.55 8.84
N ARG A 203 24.54 1.77 9.59
CA ARG A 203 24.78 0.38 9.22
C ARG A 203 23.47 -0.43 9.28
N PHE A 204 23.42 -1.50 8.49
CA PHE A 204 22.20 -2.29 8.37
C PHE A 204 21.86 -2.97 9.69
N ARG A 205 22.87 -3.48 10.41
CA ARG A 205 22.61 -4.12 11.69
C ARG A 205 22.08 -3.13 12.71
N ASN A 206 22.62 -1.91 12.72
CA ASN A 206 22.06 -0.86 13.57
C ASN A 206 20.62 -0.55 13.17
N TRP A 207 20.37 -0.48 11.86
CA TRP A 207 19.05 -0.13 11.36
C TRP A 207 18.00 -1.13 11.81
N LEU A 208 18.36 -2.41 11.90
CA LEU A 208 17.41 -3.43 12.34
C LEU A 208 17.06 -3.25 13.81
N GLN A 209 18.07 -3.26 14.68
CA GLN A 209 17.82 -3.11 16.12
C GLN A 209 17.13 -1.78 16.43
N GLN A 210 17.52 -0.72 15.72
CA GLN A 210 16.87 0.58 15.87
C GLN A 210 15.42 0.53 15.40
N MET B 19 -30.02 -6.82 -1.36
CA MET B 19 -29.04 -5.76 -1.13
C MET B 19 -28.62 -5.11 -2.45
N THR B 20 -28.14 -3.88 -2.36
CA THR B 20 -27.75 -3.10 -3.54
C THR B 20 -26.45 -2.36 -3.24
N LEU B 21 -25.87 -1.80 -4.29
CA LEU B 21 -24.65 -1.01 -4.19
C LEU B 21 -24.98 0.48 -4.30
N PHE B 22 -23.97 1.31 -4.04
CA PHE B 22 -24.17 2.75 -4.06
C PHE B 22 -24.32 3.25 -5.50
N THR B 23 -25.07 4.33 -5.64
CA THR B 23 -25.31 4.97 -6.92
C THR B 23 -24.73 6.39 -6.91
N GLU B 24 -24.23 6.83 -8.06
CA GLU B 24 -23.85 8.22 -8.19
C GLU B 24 -25.05 9.14 -7.99
N ASN B 25 -26.26 8.64 -8.19
CA ASN B 25 -27.46 9.40 -7.83
C ASN B 25 -27.61 9.49 -6.32
N ASP B 26 -27.40 8.38 -5.62
CA ASP B 26 -27.54 8.37 -4.16
C ASP B 26 -26.63 9.39 -3.51
N LEU B 27 -25.37 9.45 -3.94
CA LEU B 27 -24.39 10.31 -3.29
C LEU B 27 -24.63 11.78 -3.62
N LEU B 28 -25.00 12.08 -4.87
CA LEU B 28 -25.21 13.48 -5.24
C LEU B 28 -26.43 14.06 -4.57
N ASN B 29 -27.48 13.25 -4.36
CA ASN B 29 -28.66 13.75 -3.66
C ASN B 29 -28.38 13.91 -2.17
N ASN B 30 -27.57 13.02 -1.58
CA ASN B 30 -27.18 13.17 -0.19
C ASN B 30 -26.36 14.43 0.02
N SER B 31 -25.63 14.89 -1.00
CA SER B 31 -24.87 16.12 -0.87
C SER B 31 -25.79 17.30 -0.60
N TYR B 32 -26.97 17.30 -1.23
CA TYR B 32 -27.91 18.40 -1.08
C TYR B 32 -28.62 18.39 0.27
N LYS B 33 -28.29 17.43 1.13
CA LYS B 33 -28.70 17.50 2.54
C LYS B 33 -27.84 18.47 3.34
N SER B 34 -26.74 18.95 2.77
CA SER B 34 -25.86 19.90 3.45
C SER B 34 -25.36 21.05 2.59
N ILE B 35 -25.40 20.96 1.26
CA ILE B 35 -24.98 22.05 0.40
C ILE B 35 -26.17 22.50 -0.44
N GLN B 36 -26.05 23.69 -1.01
CA GLN B 36 -27.11 24.23 -1.85
C GLN B 36 -27.15 23.51 -3.19
N LYS B 37 -28.25 23.71 -3.91
CA LYS B 37 -28.46 23.10 -5.22
C LYS B 37 -28.47 24.14 -6.33
N SER B 38 -27.71 25.21 -6.16
CA SER B 38 -27.72 26.35 -7.09
C SER B 38 -26.96 26.03 -8.37
N TYR B 39 -25.64 26.19 -8.35
CA TYR B 39 -24.79 26.09 -9.53
C TYR B 39 -23.70 25.07 -9.32
N HIS B 40 -23.36 24.33 -10.39
CA HIS B 40 -22.32 23.31 -10.31
C HIS B 40 -21.02 23.87 -9.77
N PHE B 41 -20.63 25.07 -10.21
CA PHE B 41 -19.39 25.66 -9.72
C PHE B 41 -19.48 25.97 -8.23
N SER B 42 -20.60 26.55 -7.80
CA SER B 42 -20.76 26.88 -6.38
C SER B 42 -20.98 25.62 -5.55
N GLU B 43 -21.84 24.72 -6.02
CA GLU B 43 -22.04 23.45 -5.32
C GLU B 43 -20.73 22.70 -5.13
N ASN B 44 -19.83 22.81 -6.09
CA ASN B 44 -18.51 22.20 -5.97
C ASN B 44 -17.67 22.93 -4.92
N GLN B 45 -17.58 24.26 -5.04
CA GLN B 45 -16.78 25.04 -4.10
C GLN B 45 -17.29 24.86 -2.67
N ALA B 46 -18.59 24.65 -2.50
CA ALA B 46 -19.13 24.44 -1.16
C ALA B 46 -18.62 23.13 -0.56
N ALA B 47 -18.81 22.02 -1.26
CA ALA B 47 -18.45 20.71 -0.73
C ALA B 47 -16.96 20.64 -0.41
N LYS B 48 -16.12 21.31 -1.22
CA LYS B 48 -14.69 21.32 -0.93
C LYS B 48 -14.39 22.01 0.38
N ASN B 49 -15.21 22.99 0.77
CA ASN B 49 -15.00 23.67 2.05
C ASN B 49 -15.35 22.77 3.23
N ILE B 50 -16.41 21.98 3.09
CA ILE B 50 -16.78 21.05 4.16
C ILE B 50 -15.69 20.00 4.35
N LEU B 51 -15.14 19.49 3.25
CA LEU B 51 -14.16 18.42 3.36
C LEU B 51 -12.81 18.94 3.81
N GLU B 52 -12.43 20.15 3.39
CA GLU B 52 -11.23 20.78 3.93
C GLU B 52 -11.39 21.04 5.42
N GLN B 53 -12.59 21.47 5.83
CA GLN B 53 -12.84 21.71 7.25
C GLN B 53 -12.72 20.42 8.04
N ALA B 54 -13.25 19.31 7.51
CA ALA B 54 -13.12 18.03 8.19
C ALA B 54 -11.66 17.62 8.29
N TYR B 55 -10.86 17.94 7.27
CA TYR B 55 -9.42 17.65 7.33
C TYR B 55 -8.77 18.44 8.47
N LYS B 56 -9.10 19.73 8.58
CA LYS B 56 -8.55 20.55 9.65
C LYS B 56 -9.11 20.16 11.02
N ASN B 57 -10.24 19.46 11.06
CA ASN B 57 -10.89 19.08 12.30
C ASN B 57 -10.62 17.63 12.68
N TYR B 58 -9.62 16.99 12.08
CA TYR B 58 -9.25 15.64 12.48
C TYR B 58 -8.77 15.64 13.92
N ASP B 59 -9.37 14.76 14.72
CA ASP B 59 -9.09 14.70 16.15
C ASP B 59 -8.17 13.52 16.40
N LYS B 60 -6.95 13.80 16.84
CA LYS B 60 -5.97 12.73 17.07
C LYS B 60 -6.45 11.77 18.14
N ASN B 61 -7.24 12.24 19.09
CA ASN B 61 -7.73 11.44 20.21
C ASN B 61 -9.06 10.76 19.93
N LYS B 62 -9.65 10.98 18.77
CA LYS B 62 -10.85 10.26 18.37
C LYS B 62 -10.46 8.90 17.80
N ILE B 63 -11.43 7.99 17.79
CA ILE B 63 -11.28 6.67 17.19
C ILE B 63 -12.36 6.55 16.12
N TYR B 64 -11.98 6.80 14.87
CA TYR B 64 -12.94 6.79 13.78
C TYR B 64 -13.22 5.36 13.33
N ASP B 65 -14.47 5.12 12.89
CA ASP B 65 -14.83 3.79 12.42
C ASP B 65 -14.29 3.52 11.02
N ILE B 66 -14.35 4.52 10.15
CA ILE B 66 -14.04 4.34 8.72
C ILE B 66 -13.07 5.42 8.28
N PHE B 67 -11.89 5.01 7.82
CA PHE B 67 -11.01 5.88 7.04
C PHE B 67 -11.49 5.82 5.59
N LEU B 68 -12.08 6.90 5.10
CA LEU B 68 -12.68 6.92 3.78
C LEU B 68 -11.68 7.49 2.78
N SER B 69 -11.15 6.62 1.92
CA SER B 69 -10.29 7.04 0.83
C SER B 69 -11.02 6.86 -0.48
N HIS B 70 -10.57 7.58 -1.50
CA HIS B 70 -11.35 7.65 -2.73
C HIS B 70 -10.43 7.85 -3.92
N SER B 71 -10.85 7.29 -5.05
CA SER B 71 -10.33 7.73 -6.34
C SER B 71 -10.91 9.11 -6.63
N PHE B 72 -10.59 9.65 -7.80
CA PHE B 72 -11.13 10.97 -8.12
C PHE B 72 -12.64 10.88 -8.28
N LEU B 73 -13.34 11.65 -7.46
CA LEU B 73 -14.80 11.72 -7.49
C LEU B 73 -15.19 13.17 -7.32
N ASP B 74 -16.44 13.45 -7.70
CA ASP B 74 -16.99 14.78 -7.46
C ASP B 74 -16.97 15.07 -5.96
N ALA B 75 -16.43 16.23 -5.59
CA ALA B 75 -16.42 16.62 -4.18
C ALA B 75 -17.83 16.57 -3.61
N ARG B 76 -18.85 16.84 -4.44
CA ARG B 76 -20.22 16.67 -3.99
C ARG B 76 -20.51 15.21 -3.67
N LYS B 77 -20.02 14.29 -4.49
CA LYS B 77 -20.29 12.87 -4.28
C LYS B 77 -19.52 12.33 -3.08
N ILE B 78 -18.30 12.82 -2.86
CA ILE B 78 -17.57 12.45 -1.64
C ILE B 78 -18.34 12.89 -0.40
N LEU B 79 -18.86 14.12 -0.43
CA LEU B 79 -19.62 14.64 0.71
C LEU B 79 -20.87 13.80 0.95
N GLY B 80 -21.68 13.62 -0.10
CA GLY B 80 -22.88 12.80 0.02
C GLY B 80 -22.61 11.38 0.47
N LEU B 81 -21.40 10.88 0.23
CA LEU B 81 -21.01 9.58 0.76
C LEU B 81 -20.66 9.68 2.23
N LYS B 82 -19.95 10.74 2.62
CA LYS B 82 -19.66 10.96 4.04
C LYS B 82 -20.94 11.16 4.84
N ASN B 83 -21.90 11.90 4.27
CA ASN B 83 -23.18 12.11 4.96
C ASN B 83 -23.96 10.80 5.09
N TYR B 84 -23.96 9.99 4.02
CA TYR B 84 -24.72 8.75 4.04
C TYR B 84 -24.22 7.80 5.12
N ILE B 85 -22.90 7.69 5.29
CA ILE B 85 -22.36 6.73 6.24
C ILE B 85 -22.59 7.21 7.67
N GLU B 86 -22.48 8.52 7.90
CA GLU B 86 -22.67 9.05 9.25
C GLU B 86 -24.14 8.96 9.68
N GLY B 87 -25.06 9.25 8.77
CA GLY B 87 -26.48 9.06 9.05
C GLY B 87 -26.84 7.62 9.31
N LEU B 88 -25.98 6.67 8.94
CA LEU B 88 -26.18 5.28 9.29
C LEU B 88 -25.58 4.92 10.64
N GLY B 89 -24.92 5.86 11.30
CA GLY B 89 -24.39 5.65 12.62
C GLY B 89 -22.92 5.28 12.71
N TYR B 90 -22.11 5.64 11.73
CA TYR B 90 -20.69 5.34 11.73
C TYR B 90 -19.87 6.62 11.64
N SER B 91 -18.69 6.59 12.29
CA SER B 91 -17.72 7.66 12.16
C SER B 91 -16.99 7.56 10.84
N VAL B 92 -16.69 8.70 10.23
CA VAL B 92 -16.01 8.75 8.94
C VAL B 92 -14.95 9.83 8.99
N TYR B 93 -13.69 9.44 8.76
CA TYR B 93 -12.66 10.39 8.39
C TYR B 93 -12.42 10.26 6.89
N VAL B 94 -12.55 11.37 6.17
CA VAL B 94 -12.41 11.40 4.72
C VAL B 94 -10.98 11.79 4.38
N ASP B 95 -10.30 10.94 3.61
CA ASP B 95 -8.97 11.26 3.12
C ASP B 95 -9.06 12.42 2.14
N TRP B 96 -8.41 13.53 2.47
CA TRP B 96 -8.50 14.73 1.66
C TRP B 96 -7.12 15.31 1.37
N SER B 105 -0.17 16.93 -3.69
CA SER B 105 -0.97 15.73 -3.81
C SER B 105 -0.11 14.53 -4.23
N LYS B 106 1.17 14.78 -4.48
CA LYS B 106 2.09 13.74 -4.93
C LYS B 106 2.52 12.86 -3.76
N VAL B 107 3.49 12.00 -4.01
CA VAL B 107 3.97 11.05 -3.02
C VAL B 107 5.15 11.68 -2.28
N SER B 108 4.93 12.02 -1.01
CA SER B 108 5.94 12.66 -0.17
C SER B 108 6.19 11.83 1.08
N LYS B 109 7.40 11.95 1.62
CA LYS B 109 7.66 11.47 2.98
C LYS B 109 6.73 12.15 3.99
N GLU B 110 6.34 13.40 3.70
CA GLU B 110 5.56 14.19 4.65
C GLU B 110 4.10 13.74 4.69
N THR B 111 3.46 13.64 3.53
CA THR B 111 2.06 13.20 3.50
C THR B 111 1.91 11.70 3.76
N ALA B 112 2.97 10.92 3.55
CA ALA B 112 2.92 9.52 3.97
C ALA B 112 2.82 9.42 5.49
N GLY B 113 3.45 10.35 6.20
CA GLY B 113 3.35 10.34 7.65
C GLY B 113 1.98 10.71 8.15
N ILE B 114 1.35 11.71 7.52
CA ILE B 114 -0.01 12.10 7.89
C ILE B 114 -0.97 10.94 7.70
N LEU B 115 -0.82 10.19 6.62
CA LEU B 115 -1.71 9.07 6.35
C LEU B 115 -1.53 7.97 7.38
N ARG B 116 -0.30 7.72 7.83
CA ARG B 116 -0.07 6.72 8.86
C ARG B 116 -0.76 7.10 10.16
N GLU B 117 -0.55 8.34 10.61
CA GLU B 117 -1.12 8.77 11.87
C GLU B 117 -2.64 8.75 11.84
N ARG B 118 -3.23 9.10 10.70
CA ARG B 118 -4.68 9.18 10.57
C ARG B 118 -5.30 7.84 10.17
N MET B 119 -4.53 6.93 9.56
CA MET B 119 -5.06 5.58 9.36
C MET B 119 -5.03 4.79 10.65
N GLN B 120 -4.04 5.04 11.52
CA GLN B 120 -4.03 4.40 12.82
C GLN B 120 -5.17 4.88 13.70
N SER B 121 -5.74 6.04 13.39
CA SER B 121 -6.88 6.58 14.13
C SER B 121 -8.21 5.96 13.71
N CYS B 122 -8.19 4.99 12.79
CA CYS B 122 -9.42 4.46 12.23
C CYS B 122 -9.47 2.94 12.39
N LYS B 123 -10.70 2.42 12.51
CA LYS B 123 -10.88 0.98 12.69
C LYS B 123 -10.79 0.23 11.37
N SER B 124 -11.35 0.78 10.31
CA SER B 124 -11.37 0.14 9.01
C SER B 124 -11.08 1.17 7.94
N LEU B 125 -10.87 0.69 6.71
CA LEU B 125 -10.63 1.55 5.57
C LEU B 125 -11.56 1.14 4.44
N PHE B 126 -12.28 2.12 3.89
CA PHE B 126 -13.04 1.96 2.65
C PHE B 126 -12.34 2.78 1.57
N PHE B 127 -12.03 2.14 0.45
CA PHE B 127 -11.57 2.86 -0.73
C PHE B 127 -12.71 2.88 -1.74
N ALA B 128 -13.28 4.06 -1.97
CA ALA B 128 -14.39 4.21 -2.90
C ALA B 128 -13.85 4.38 -4.31
N ILE B 129 -14.52 3.73 -5.26
CA ILE B 129 -14.18 3.81 -6.67
C ILE B 129 -15.45 4.00 -7.47
N SER B 130 -15.34 4.76 -8.55
CA SER B 130 -16.43 4.93 -9.50
C SER B 130 -16.04 4.29 -10.82
N GLU B 131 -17.04 4.03 -11.66
CA GLU B 131 -16.76 3.42 -12.96
C GLU B 131 -15.79 4.27 -13.77
N ASN B 132 -15.75 5.58 -13.52
CA ASN B 132 -14.86 6.47 -14.26
C ASN B 132 -13.45 6.49 -13.71
N SER B 133 -13.21 5.85 -12.56
CA SER B 133 -11.89 5.90 -11.93
C SER B 133 -11.80 4.72 -10.97
N ASP B 134 -11.05 3.70 -11.37
CA ASP B 134 -10.85 2.51 -10.56
C ASP B 134 -9.63 2.60 -9.65
N HIS B 135 -8.62 3.39 -10.03
CA HIS B 135 -7.34 3.39 -9.34
C HIS B 135 -6.94 4.82 -8.98
N SER B 136 -5.80 4.92 -8.29
CA SER B 136 -5.26 6.21 -7.86
C SER B 136 -3.77 6.03 -7.58
N LEU B 137 -3.08 7.17 -7.44
CA LEU B 137 -1.65 7.13 -7.17
C LEU B 137 -1.36 6.54 -5.80
N TRP B 138 -2.10 6.98 -4.77
CA TRP B 138 -1.88 6.52 -3.41
C TRP B 138 -2.63 5.23 -3.07
N MET B 139 -3.54 4.79 -3.93
CA MET B 139 -4.48 3.70 -3.61
C MET B 139 -3.79 2.42 -3.13
N PRO B 140 -2.90 1.79 -3.91
CA PRO B 140 -2.40 0.49 -3.48
C PRO B 140 -1.51 0.56 -2.26
N TRP B 141 -0.84 1.69 -2.03
CA TRP B 141 -0.01 1.83 -0.83
C TRP B 141 -0.87 1.89 0.42
N GLU B 142 -1.96 2.67 0.38
CA GLU B 142 -2.86 2.73 1.52
C GLU B 142 -3.57 1.41 1.74
N LEU B 143 -4.04 0.78 0.66
CA LEU B 143 -4.67 -0.53 0.78
C LEU B 143 -3.70 -1.56 1.32
N GLY B 144 -2.41 -1.40 1.06
CA GLY B 144 -1.42 -2.31 1.60
C GLY B 144 -1.07 -1.97 3.03
N TYR B 145 -0.96 -0.68 3.34
CA TYR B 145 -0.54 -0.27 4.68
C TYR B 145 -1.63 -0.57 5.71
N PHE B 146 -2.89 -0.26 5.38
CA PHE B 146 -3.97 -0.50 6.35
C PHE B 146 -4.21 -1.98 6.55
N ASP B 147 -3.98 -2.79 5.51
CA ASP B 147 -4.02 -4.24 5.69
C ASP B 147 -2.97 -4.69 6.70
N GLY B 148 -1.83 -4.00 6.72
CA GLY B 148 -0.76 -4.39 7.63
C GLY B 148 -1.04 -3.99 9.06
N ILE B 149 -1.65 -2.83 9.29
CA ILE B 149 -1.81 -2.33 10.65
C ILE B 149 -3.13 -2.76 11.27
N LYS B 150 -4.19 -2.88 10.47
CA LYS B 150 -5.51 -3.19 11.02
C LYS B 150 -6.23 -4.33 10.34
N GLN B 151 -5.79 -4.76 9.15
CA GLN B 151 -6.29 -5.94 8.45
C GLN B 151 -7.73 -5.81 8.00
N LYS B 152 -8.34 -4.64 8.12
CA LYS B 152 -9.73 -4.44 7.72
C LYS B 152 -9.76 -3.43 6.58
N VAL B 153 -9.83 -3.93 5.35
CA VAL B 153 -9.88 -3.10 4.15
C VAL B 153 -10.99 -3.63 3.25
N ALA B 154 -11.84 -2.73 2.76
CA ALA B 154 -12.94 -3.09 1.88
C ALA B 154 -13.05 -2.08 0.75
N ILE B 155 -13.46 -2.55 -0.42
CA ILE B 155 -13.59 -1.71 -1.61
C ILE B 155 -15.04 -1.25 -1.72
N LEU B 156 -15.24 0.04 -1.99
CA LEU B 156 -16.58 0.62 -2.08
C LEU B 156 -16.93 0.89 -3.54
N PRO B 157 -17.74 0.05 -4.19
CA PRO B 157 -18.13 0.30 -5.58
C PRO B 157 -19.26 1.31 -5.67
N VAL B 158 -19.12 2.25 -6.59
CA VAL B 158 -20.11 3.29 -6.83
C VAL B 158 -20.57 3.15 -8.27
N LEU B 159 -21.73 2.53 -8.48
CA LEU B 159 -22.27 2.33 -9.81
C LEU B 159 -23.05 3.55 -10.27
N LYS B 160 -23.15 3.70 -11.59
CA LYS B 160 -23.95 4.77 -12.17
C LYS B 160 -25.44 4.45 -12.15
N SER B 161 -25.81 3.18 -12.05
CA SER B 161 -27.21 2.78 -12.02
C SER B 161 -27.41 1.50 -11.22
N ASP B 165 -26.10 -6.52 -5.88
CA ASP B 165 -25.37 -6.94 -4.69
C ASP B 165 -24.12 -7.74 -5.07
N SER B 166 -23.79 -7.74 -6.37
CA SER B 166 -22.67 -8.51 -6.90
C SER B 166 -21.70 -7.57 -7.60
N TYR B 167 -20.47 -7.50 -7.08
CA TYR B 167 -19.38 -6.76 -7.72
C TYR B 167 -18.19 -7.69 -7.84
N ASN B 168 -17.73 -7.93 -9.07
CA ASN B 168 -16.62 -8.84 -9.30
C ASN B 168 -15.39 -8.12 -9.86
N TYR B 172 -6.47 -4.93 -8.00
CA TYR B 172 -6.51 -4.64 -6.57
C TYR B 172 -7.93 -4.54 -6.05
N LEU B 173 -8.86 -4.22 -6.94
CA LEU B 173 -10.27 -4.06 -6.58
C LEU B 173 -10.98 -5.39 -6.40
N GLY B 174 -10.34 -6.50 -6.76
CA GLY B 174 -10.82 -7.83 -6.43
C GLY B 174 -10.09 -8.49 -5.29
N LEU B 175 -9.17 -7.79 -4.61
CA LEU B 175 -8.34 -8.35 -3.56
C LEU B 175 -8.99 -8.33 -2.19
N TYR B 176 -9.93 -7.43 -1.96
CA TYR B 176 -10.62 -7.23 -0.69
C TYR B 176 -12.12 -7.32 -0.91
N PRO B 177 -12.91 -7.54 0.16
CA PRO B 177 -14.37 -7.56 0.01
C PRO B 177 -14.95 -6.21 -0.38
N TYR B 178 -16.25 -6.16 -0.63
CA TYR B 178 -16.90 -4.92 -1.03
C TYR B 178 -18.06 -4.59 -0.12
N VAL B 179 -18.44 -3.31 -0.15
CA VAL B 179 -19.46 -2.74 0.73
C VAL B 179 -20.78 -2.68 -0.02
N ALA B 180 -21.86 -3.01 0.69
CA ALA B 180 -23.21 -2.99 0.13
C ALA B 180 -24.17 -2.35 1.14
N LYS B 181 -25.40 -2.13 0.70
CA LYS B 181 -26.46 -1.57 1.52
C LYS B 181 -27.50 -2.65 1.82
N GLY B 182 -28.05 -2.60 3.03
CA GLY B 182 -29.05 -3.56 3.45
C GLY B 182 -30.41 -2.95 3.77
N THR B 188 -35.79 -2.09 10.34
CA THR B 188 -36.42 -1.00 9.61
C THR B 188 -35.39 0.03 9.13
N GLN B 189 -34.15 -0.13 9.58
CA GLN B 189 -33.09 0.80 9.27
C GLN B 189 -31.96 0.07 8.54
N GLU B 190 -31.34 0.78 7.58
CA GLU B 190 -30.33 0.20 6.73
C GLU B 190 -29.04 -0.05 7.51
N GLU B 191 -28.16 -0.86 6.91
CA GLU B 191 -26.89 -1.20 7.54
C GLU B 191 -25.86 -1.48 6.45
N ILE B 192 -24.60 -1.43 6.83
CA ILE B 192 -23.48 -1.69 5.92
C ILE B 192 -23.13 -3.17 6.00
N TRP B 193 -22.93 -3.79 4.85
CA TRP B 193 -22.67 -5.22 4.76
C TRP B 193 -21.39 -5.44 3.95
N ILE B 194 -20.52 -6.32 4.47
CA ILE B 194 -19.23 -6.61 3.86
C ILE B 194 -19.33 -7.95 3.14
N HIS B 195 -18.93 -7.98 1.87
CA HIS B 195 -19.20 -9.11 0.99
C HIS B 195 -17.90 -9.74 0.49
N SER B 196 -17.59 -10.95 0.99
CA SER B 196 -16.58 -11.77 0.32
C SER B 196 -17.08 -12.25 -1.04
N SER B 197 -18.39 -12.41 -1.18
CA SER B 197 -19.05 -12.67 -2.45
C SER B 197 -20.48 -12.13 -2.32
N GLN B 198 -21.30 -12.37 -3.34
CA GLN B 198 -22.71 -12.06 -3.19
C GLN B 198 -23.36 -12.96 -2.15
N LYS B 199 -22.84 -14.18 -1.98
CA LYS B 199 -23.37 -15.11 -1.01
C LYS B 199 -22.91 -14.78 0.41
N GLN B 200 -21.65 -14.40 0.58
CA GLN B 200 -21.04 -14.26 1.90
C GLN B 200 -21.08 -12.79 2.33
N TYR B 201 -21.96 -12.48 3.28
CA TYR B 201 -22.08 -11.14 3.82
C TYR B 201 -22.04 -11.20 5.34
N VAL B 202 -21.78 -10.03 5.94
CA VAL B 202 -21.76 -9.91 7.39
C VAL B 202 -21.92 -8.44 7.72
N ARG B 203 -22.45 -8.15 8.91
CA ARG B 203 -22.60 -6.77 9.34
C ARG B 203 -21.24 -6.13 9.56
N PHE B 204 -21.11 -4.87 9.13
CA PHE B 204 -19.89 -4.11 9.36
C PHE B 204 -19.53 -4.11 10.84
N ARG B 205 -20.53 -4.03 11.71
CA ARG B 205 -20.25 -4.10 13.15
C ARG B 205 -19.63 -5.44 13.50
N ASN B 206 -20.14 -6.53 12.92
CA ASN B 206 -19.56 -7.86 13.15
C ASN B 206 -18.28 -8.07 12.35
N TRP B 207 -18.08 -7.32 11.28
CA TRP B 207 -16.87 -7.46 10.48
C TRP B 207 -15.65 -6.82 11.14
N LEU B 208 -15.87 -5.74 11.90
CA LEU B 208 -14.77 -5.15 12.67
C LEU B 208 -14.33 -6.07 13.80
N GLN B 209 -15.27 -6.76 14.44
CA GLN B 209 -14.96 -7.55 15.62
C GLN B 209 -14.11 -8.77 15.29
N GLN B 210 -14.20 -9.27 14.06
CA GLN B 210 -13.45 -10.46 13.66
C GLN B 210 -11.94 -10.23 13.70
#